data_7VKF
#
_entry.id   7VKF
#
_cell.length_a   95.421
_cell.length_b   95.421
_cell.length_c   123.841
_cell.angle_alpha   90.00
_cell.angle_beta   90.00
_cell.angle_gamma   90.00
#
_symmetry.space_group_name_H-M   'P 41 21 2'
#
loop_
_entity.id
_entity.type
_entity.pdbx_description
1 polymer 'GMC oxidoreductase'
2 non-polymer D-glucono-1,5-lactone
3 non-polymer 'DIHYDROFLAVINE-ADENINE DINUCLEOTIDE'
4 non-polymer 2-[3-(2-HYDROXY-1,1-DIHYDROXYMETHYL-ETHYLAMINO)-PROPYLAMINO]-2-HYDROXYMETHYL-PROPANE-1,3-DIOL
5 water water
#
_entity_poly.entity_id   1
_entity_poly.type   'polypeptide(L)'
_entity_poly.pdbx_seq_one_letter_code
;MKNTTTYDYIVVGGGTSGLVVANRLSENPDVSVLLLEAGASVFNNPDVTNANGYGLAFGSAIDWQYQSINQSYAGGKQQV
LRAGKALGGTSTINGMAYTRAEDVQIDVWQKLGNEGWTWKDLLPYYLKSENLTAPTSSQVAAGAAYNPAVNGKEGPLKVG
WSGSLASGNLSVALNRTFQAAGVPWVEDVNGGKMRGFNIYPSTLDVDLNVREDAARAYYFPYDDRKNLHLLENTTANRLF
WKNGSAEEAIADGVEITSADGKVTRVHAKKEVIISAGALRSPLILELSGVGNPTILKKNNITPRVDLPTVGENLQDQFNN
GMAGEGYGVLAGASTVTYPSISDVFGNETDSIVASLRSQLSDYAAATVKVSNGHMKQEDLERLYQLQFDLIVKDKVPIAE
ILFHPGGGNAVSSEFWGLLPFARGNIHISSNDPTAPAAINPNYFMFEWDGKSQAGIAKYIRKILRSAPLNKLIAKETKPG
LSEIPATAADEKWVEWLKANYRSNFHPVGTAAMMPRSIGGVVDNRLRVYGTSNVRVVDASVLPFQVCGHLVSTLYAVAER
ASDLIKEDAKSA
;
_entity_poly.pdbx_strand_id   A
#
# COMPACT_ATOMS: atom_id res chain seq x y z
N THR A 4 30.62 -6.68 -17.50
CA THR A 4 30.72 -6.14 -16.11
C THR A 4 29.71 -6.84 -15.16
N THR A 5 30.16 -7.28 -13.98
CA THR A 5 29.18 -7.70 -12.95
C THR A 5 29.33 -6.96 -11.63
N THR A 6 30.04 -5.82 -11.65
CA THR A 6 30.22 -4.91 -10.50
C THR A 6 29.65 -3.53 -10.78
N TYR A 7 28.84 -3.03 -9.84
CA TYR A 7 28.07 -1.80 -9.95
C TYR A 7 28.18 -1.04 -8.66
N ASP A 8 27.95 0.27 -8.69
CA ASP A 8 27.94 0.99 -7.44
C ASP A 8 26.74 0.57 -6.55
N TYR A 9 25.54 0.53 -7.17
CA TYR A 9 24.33 0.14 -6.40
C TYR A 9 23.62 -0.99 -7.12
N ILE A 10 23.08 -1.91 -6.33
CA ILE A 10 22.19 -2.97 -6.88
C ILE A 10 20.86 -2.68 -6.24
N VAL A 11 19.85 -2.52 -7.09
CA VAL A 11 18.45 -2.31 -6.61
C VAL A 11 17.70 -3.61 -6.91
N VAL A 12 17.27 -4.30 -5.84
CA VAL A 12 16.61 -5.61 -5.97
C VAL A 12 15.09 -5.35 -6.11
N GLY A 13 14.59 -5.55 -7.31
CA GLY A 13 13.15 -5.35 -7.54
C GLY A 13 12.95 -4.08 -8.36
N GLY A 14 12.59 -4.28 -9.62
CA GLY A 14 12.29 -3.17 -10.54
C GLY A 14 10.85 -2.79 -10.48
N GLY A 15 10.35 -2.51 -9.25
CA GLY A 15 8.93 -2.22 -9.02
C GLY A 15 8.65 -0.74 -8.71
N THR A 16 7.52 -0.51 -8.02
CA THR A 16 7.01 0.88 -7.81
C THR A 16 8.13 1.68 -7.18
N SER A 17 8.72 1.17 -6.10
CA SER A 17 9.71 1.93 -5.32
C SER A 17 11.14 1.79 -5.93
N GLY A 18 11.48 0.58 -6.36
CA GLY A 18 12.85 0.30 -6.86
C GLY A 18 13.17 1.15 -8.08
N LEU A 19 12.18 1.33 -8.97
CA LEU A 19 12.47 2.13 -10.18
C LEU A 19 12.74 3.60 -9.85
N VAL A 20 12.14 4.11 -8.80
CA VAL A 20 12.45 5.49 -8.38
C VAL A 20 13.90 5.57 -7.94
N VAL A 21 14.30 4.68 -7.05
CA VAL A 21 15.68 4.71 -6.53
C VAL A 21 16.64 4.59 -7.71
N ALA A 22 16.41 3.62 -8.60
CA ALA A 22 17.33 3.43 -9.74
C ALA A 22 17.37 4.68 -10.63
N ASN A 23 16.22 5.30 -10.84
CA ASN A 23 16.15 6.51 -11.63
C ASN A 23 16.99 7.61 -10.96
N ARG A 24 16.80 7.83 -9.65
CA ARG A 24 17.40 9.01 -9.04
C ARG A 24 18.90 8.79 -8.89
N LEU A 25 19.34 7.59 -8.53
CA LEU A 25 20.78 7.38 -8.28
C LEU A 25 21.56 7.44 -9.59
N SER A 26 20.93 7.09 -10.72
CA SER A 26 21.61 7.11 -12.02
C SER A 26 21.61 8.52 -12.64
N GLU A 27 21.10 9.51 -11.92
CA GLU A 27 21.17 10.91 -12.41
C GLU A 27 22.63 11.37 -12.36
N ASN A 28 23.41 10.79 -11.44
CA ASN A 28 24.88 11.01 -11.41
C ASN A 28 25.50 10.07 -12.44
N PRO A 29 26.05 10.59 -13.57
CA PRO A 29 26.57 9.73 -14.62
C PRO A 29 27.77 8.88 -14.16
N ASP A 30 28.40 9.28 -13.04
CA ASP A 30 29.55 8.51 -12.56
C ASP A 30 29.19 7.35 -11.62
N VAL A 31 27.87 7.17 -11.40
CA VAL A 31 27.38 6.17 -10.46
C VAL A 31 26.71 5.09 -11.33
N SER A 32 27.14 3.84 -11.20
CA SER A 32 26.48 2.72 -11.96
C SER A 32 25.40 2.04 -11.10
N VAL A 33 24.26 1.74 -11.76
CA VAL A 33 23.10 1.18 -11.01
C VAL A 33 22.62 -0.04 -11.77
N LEU A 34 22.51 -1.16 -11.06
CA LEU A 34 21.91 -2.37 -11.62
C LEU A 34 20.55 -2.60 -11.01
N LEU A 35 19.53 -2.81 -11.87
CA LEU A 35 18.19 -3.25 -11.43
C LEU A 35 18.08 -4.73 -11.67
N LEU A 36 17.63 -5.48 -10.67
CA LEU A 36 17.32 -6.91 -10.82
C LEU A 36 15.81 -7.00 -10.78
N GLU A 37 15.21 -7.61 -11.81
CA GLU A 37 13.74 -7.76 -11.78
C GLU A 37 13.38 -9.15 -12.26
N ALA A 38 12.56 -9.84 -11.45
CA ALA A 38 12.14 -11.21 -11.78
C ALA A 38 11.27 -11.28 -13.02
N GLY A 39 10.45 -10.24 -13.27
CA GLY A 39 9.59 -10.19 -14.44
C GLY A 39 10.28 -9.46 -15.60
N ALA A 40 9.46 -9.00 -16.52
CA ALA A 40 9.97 -8.40 -17.75
C ALA A 40 9.07 -7.22 -18.12
N SER A 41 9.32 -6.60 -19.27
CA SER A 41 8.51 -5.48 -19.69
C SER A 41 7.03 -5.87 -19.81
N VAL A 42 6.17 -4.91 -19.47
CA VAL A 42 4.73 -5.01 -19.78
C VAL A 42 4.30 -3.78 -20.55
N PHE A 43 5.27 -3.19 -21.29
CA PHE A 43 4.95 -2.02 -22.10
C PHE A 43 3.84 -2.30 -23.13
N ASN A 44 3.80 -3.54 -23.62
CA ASN A 44 2.82 -3.96 -24.62
C ASN A 44 1.75 -4.88 -24.12
N ASN A 45 1.68 -5.10 -22.82
CA ASN A 45 0.67 -6.02 -22.23
C ASN A 45 -0.69 -5.29 -22.12
N PRO A 46 -1.67 -5.71 -22.90
CA PRO A 46 -2.94 -4.96 -22.95
C PRO A 46 -3.71 -5.02 -21.61
N ASP A 47 -3.43 -6.02 -20.79
CA ASP A 47 -4.06 -6.07 -19.46
C ASP A 47 -3.52 -4.94 -18.60
N VAL A 48 -2.29 -4.51 -18.90
CA VAL A 48 -1.62 -3.44 -18.14
C VAL A 48 -1.93 -2.09 -18.73
N THR A 49 -1.77 -1.91 -20.04
CA THR A 49 -1.84 -0.53 -20.57
C THR A 49 -3.26 0.03 -20.53
N ASN A 50 -4.27 -0.84 -20.64
CA ASN A 50 -5.66 -0.37 -20.67
C ASN A 50 -6.02 0.45 -19.43
N ALA A 51 -6.30 1.73 -19.60
CA ALA A 51 -6.69 2.60 -18.47
C ALA A 51 -7.99 2.11 -17.79
N ASN A 52 -8.76 1.29 -18.51
CA ASN A 52 -9.98 0.73 -17.94
C ASN A 52 -9.89 -0.75 -17.72
N GLY A 53 -8.65 -1.23 -17.58
CA GLY A 53 -8.37 -2.66 -17.46
C GLY A 53 -8.13 -3.25 -16.10
N TYR A 54 -8.39 -2.50 -15.01
CA TYR A 54 -8.12 -3.03 -13.69
C TYR A 54 -8.85 -4.36 -13.49
N GLY A 55 -8.11 -5.34 -12.98
CA GLY A 55 -8.62 -6.70 -12.80
C GLY A 55 -8.25 -7.67 -13.88
N LEU A 56 -8.00 -7.16 -15.11
CA LEU A 56 -7.69 -8.11 -16.17
C LEU A 56 -6.46 -8.98 -15.85
N ALA A 57 -5.45 -8.40 -15.19
CA ALA A 57 -4.21 -9.10 -14.95
C ALA A 57 -4.28 -10.10 -13.80
N PHE A 58 -5.39 -10.11 -13.05
CA PHE A 58 -5.45 -10.96 -11.88
C PHE A 58 -5.32 -12.40 -12.26
N GLY A 59 -4.42 -13.09 -11.57
CA GLY A 59 -4.20 -14.53 -11.84
C GLY A 59 -3.40 -14.86 -13.07
N SER A 60 -2.91 -13.86 -13.79
CA SER A 60 -2.13 -14.05 -15.03
C SER A 60 -0.66 -14.23 -14.67
N ALA A 61 0.18 -14.38 -15.69
CA ALA A 61 1.57 -14.64 -15.42
C ALA A 61 2.32 -13.45 -14.81
N ILE A 62 1.70 -12.26 -14.83
CA ILE A 62 2.33 -11.10 -14.21
C ILE A 62 1.75 -10.84 -12.78
N ASP A 63 1.01 -11.80 -12.25
CA ASP A 63 0.49 -11.72 -10.85
C ASP A 63 1.20 -12.81 -10.06
N TRP A 64 2.01 -12.42 -9.08
CA TRP A 64 2.65 -13.39 -8.19
C TRP A 64 1.67 -14.27 -7.45
N GLN A 65 0.44 -13.80 -7.23
CA GLN A 65 -0.59 -14.61 -6.55
C GLN A 65 -0.05 -15.30 -5.31
N TYR A 66 0.59 -14.54 -4.41
CA TYR A 66 1.07 -15.14 -3.16
C TYR A 66 -0.13 -15.61 -2.34
N GLN A 67 0.05 -16.71 -1.61
CA GLN A 67 -1.04 -17.30 -0.84
C GLN A 67 -0.81 -17.21 0.65
N SER A 68 -1.81 -16.73 1.37
CA SER A 68 -1.74 -16.74 2.82
C SER A 68 -2.00 -18.11 3.43
N ILE A 69 -1.70 -18.21 4.73
CA ILE A 69 -2.19 -19.37 5.50
C ILE A 69 -3.70 -19.25 5.77
N ASN A 70 -4.30 -20.34 6.27
CA ASN A 70 -5.72 -20.25 6.62
C ASN A 70 -5.95 -19.16 7.68
N GLN A 71 -6.91 -18.28 7.42
CA GLN A 71 -7.04 -17.09 8.29
C GLN A 71 -8.00 -17.43 9.43
N SER A 72 -7.40 -17.84 10.56
CA SER A 72 -8.20 -18.48 11.62
C SER A 72 -9.14 -17.53 12.34
N TYR A 73 -8.90 -16.22 12.26
CA TYR A 73 -9.80 -15.24 12.91
C TYR A 73 -10.91 -14.81 11.96
N ALA A 74 -10.77 -15.20 10.70
CA ALA A 74 -11.70 -14.75 9.65
C ALA A 74 -12.54 -15.86 9.04
N GLY A 75 -12.85 -16.91 9.79
CA GLY A 75 -13.53 -18.08 9.18
C GLY A 75 -12.75 -19.07 8.32
N GLY A 76 -11.42 -18.95 8.30
CA GLY A 76 -10.52 -20.06 8.02
C GLY A 76 -10.02 -20.32 6.61
N LYS A 77 -10.41 -19.52 5.63
CA LYS A 77 -9.89 -19.73 4.28
C LYS A 77 -8.53 -19.07 4.08
N GLN A 78 -7.84 -19.56 3.05
CA GLN A 78 -6.64 -18.90 2.56
C GLN A 78 -7.05 -17.72 1.72
N GLN A 79 -6.16 -16.72 1.65
CA GLN A 79 -6.41 -15.53 0.83
C GLN A 79 -5.24 -15.31 -0.09
N VAL A 80 -5.57 -14.95 -1.33
CA VAL A 80 -4.51 -14.48 -2.26
C VAL A 80 -4.07 -13.06 -1.92
N LEU A 81 -2.76 -12.80 -2.04
CA LEU A 81 -2.21 -11.44 -1.90
C LEU A 81 -1.50 -11.19 -3.21
N ARG A 82 -2.16 -10.36 -4.05
CA ARG A 82 -1.70 -10.13 -5.38
C ARG A 82 -0.51 -9.18 -5.39
N ALA A 83 0.32 -9.32 -6.43
CA ALA A 83 1.52 -8.43 -6.53
C ALA A 83 2.01 -8.56 -7.96
N GLY A 84 2.56 -7.46 -8.52
CA GLY A 84 3.00 -7.48 -9.93
C GLY A 84 4.37 -8.11 -10.12
N LYS A 85 4.42 -9.07 -11.07
CA LYS A 85 5.70 -9.65 -11.51
C LYS A 85 5.97 -9.11 -12.91
N ALA A 86 6.71 -8.00 -12.93
CA ALA A 86 6.81 -7.17 -14.12
C ALA A 86 7.75 -6.05 -13.85
N LEU A 87 8.39 -5.55 -14.89
CA LEU A 87 9.07 -4.25 -14.75
C LEU A 87 7.99 -3.21 -14.49
N GLY A 88 8.08 -2.54 -13.33
CA GLY A 88 6.98 -1.68 -12.87
C GLY A 88 6.30 -2.27 -11.65
N GLY A 89 6.53 -3.55 -11.37
CA GLY A 89 5.95 -4.17 -10.15
C GLY A 89 4.42 -4.03 -10.07
N THR A 90 3.95 -3.81 -8.84
CA THR A 90 2.51 -3.84 -8.57
C THR A 90 1.80 -2.61 -9.14
N SER A 91 2.54 -1.56 -9.54
CA SER A 91 1.92 -0.46 -10.23
C SER A 91 1.36 -0.84 -11.61
N THR A 92 1.73 -2.04 -12.10
CA THR A 92 1.26 -2.49 -13.42
C THR A 92 -0.08 -3.20 -13.34
N ILE A 93 -0.50 -3.61 -12.15
CA ILE A 93 -1.75 -4.41 -11.97
C ILE A 93 -2.72 -3.77 -11.00
N ASN A 94 -2.33 -2.59 -10.46
CA ASN A 94 -3.15 -1.99 -9.40
C ASN A 94 -4.33 -1.16 -9.98
N GLY A 95 -5.10 -0.56 -9.09
CA GLY A 95 -6.32 0.16 -9.52
C GLY A 95 -6.12 1.59 -9.99
N MET A 96 -4.86 2.03 -10.05
CA MET A 96 -4.43 3.33 -10.58
C MET A 96 -4.90 4.53 -9.71
N ALA A 97 -5.55 4.33 -8.55
CA ALA A 97 -5.95 5.53 -7.80
C ALA A 97 -4.78 6.25 -7.16
N TYR A 98 -4.80 7.60 -7.26
CA TYR A 98 -3.73 8.38 -6.66
C TYR A 98 -4.26 9.21 -5.51
N THR A 99 -4.07 8.67 -4.30
CA THR A 99 -4.40 9.45 -3.07
C THR A 99 -3.32 9.18 -2.06
N ARG A 100 -3.14 10.14 -1.13
CA ARG A 100 -1.96 10.19 -0.28
C ARG A 100 -2.21 9.72 1.17
N ALA A 101 -2.03 10.59 2.15
CA ALA A 101 -2.14 10.21 3.56
C ALA A 101 -2.58 11.44 4.32
N GLU A 102 -3.04 11.21 5.54
CA GLU A 102 -3.32 12.33 6.47
C GLU A 102 -2.01 12.89 7.01
N ASP A 103 -1.89 14.24 7.03
CA ASP A 103 -0.64 14.87 7.47
C ASP A 103 -0.18 14.32 8.82
N VAL A 104 -1.11 14.31 9.77
CA VAL A 104 -0.77 13.86 11.12
C VAL A 104 -0.33 12.38 11.20
N GLN A 105 -0.77 11.59 10.23
CA GLN A 105 -0.35 10.19 10.28
C GLN A 105 1.07 9.98 9.76
N ILE A 106 1.57 10.85 8.88
CA ILE A 106 2.99 10.87 8.53
C ILE A 106 3.83 11.49 9.68
N ASP A 107 3.31 12.56 10.28
CA ASP A 107 3.93 13.13 11.48
C ASP A 107 4.20 12.09 12.59
N VAL A 108 3.29 11.12 12.74
CA VAL A 108 3.48 10.05 13.72
C VAL A 108 4.76 9.27 13.48
N TRP A 109 5.21 9.17 12.23
CA TRP A 109 6.47 8.46 11.99
C TRP A 109 7.62 9.08 12.81
N GLN A 110 7.67 10.42 12.89
CA GLN A 110 8.71 11.05 13.69
C GLN A 110 8.41 10.87 15.18
N LYS A 111 7.14 10.95 15.56
CA LYS A 111 6.72 10.78 16.97
C LYS A 111 7.22 9.45 17.49
N LEU A 112 7.17 8.41 16.63
CA LEU A 112 7.65 7.05 16.95
C LEU A 112 9.14 6.94 17.18
N GLY A 113 9.91 7.92 16.68
CA GLY A 113 11.33 7.93 16.77
C GLY A 113 12.10 8.00 15.47
N ASN A 114 11.42 8.27 14.33
CA ASN A 114 12.09 8.32 13.01
C ASN A 114 12.34 9.77 12.63
N GLU A 115 13.50 10.25 13.03
CA GLU A 115 13.79 11.66 12.80
C GLU A 115 13.81 12.03 11.31
N GLY A 116 13.14 13.13 10.99
CA GLY A 116 13.05 13.55 9.61
C GLY A 116 11.86 13.04 8.79
N TRP A 117 10.92 12.34 9.44
CA TRP A 117 9.79 11.76 8.69
C TRP A 117 8.55 12.37 9.22
N THR A 118 8.11 13.45 8.55
CA THR A 118 6.87 14.12 8.91
C THR A 118 6.21 14.51 7.61
N TRP A 119 4.96 14.96 7.69
CA TRP A 119 4.28 15.44 6.49
C TRP A 119 5.05 16.54 5.78
N LYS A 120 5.53 17.56 6.51
CA LYS A 120 6.29 18.61 5.85
C LYS A 120 7.57 18.16 5.19
N ASP A 121 8.23 17.11 5.74
CA ASP A 121 9.42 16.59 5.11
C ASP A 121 9.06 15.79 3.85
N LEU A 122 7.91 15.10 3.90
CA LEU A 122 7.57 14.21 2.76
C LEU A 122 6.91 14.97 1.63
N LEU A 123 6.20 16.06 1.96
CA LEU A 123 5.38 16.79 0.98
C LEU A 123 6.15 17.16 -0.30
N PRO A 124 7.35 17.75 -0.18
CA PRO A 124 8.06 18.11 -1.42
C PRO A 124 8.39 16.92 -2.31
N TYR A 125 8.52 15.73 -1.68
CA TYR A 125 8.83 14.59 -2.43
C TYR A 125 7.59 14.00 -3.11
N TYR A 126 6.41 14.19 -2.54
CA TYR A 126 5.19 13.84 -3.31
C TYR A 126 5.15 14.75 -4.55
N LEU A 127 5.38 16.07 -4.34
CA LEU A 127 5.35 16.98 -5.48
C LEU A 127 6.39 16.63 -6.51
N LYS A 128 7.61 16.27 -6.06
CA LYS A 128 8.72 15.95 -6.96
C LYS A 128 8.37 14.78 -7.88
N SER A 129 7.66 13.79 -7.34
CA SER A 129 7.26 12.63 -8.14
C SER A 129 6.26 12.91 -9.23
N GLU A 130 5.43 13.98 -9.05
CA GLU A 130 4.16 14.10 -9.75
C GLU A 130 4.15 15.09 -10.92
N ASN A 131 3.47 14.71 -12.00
CA ASN A 131 3.17 15.62 -13.11
C ASN A 131 1.66 15.57 -13.33
N LEU A 132 0.95 16.46 -12.64
CA LEU A 132 -0.52 16.47 -12.76
C LEU A 132 -1.00 17.20 -14.01
N THR A 133 -1.87 16.57 -14.79
CA THR A 133 -2.59 17.25 -15.88
C THR A 133 -3.86 17.84 -15.27
N ALA A 134 -3.99 19.17 -15.31
CA ALA A 134 -5.17 19.81 -14.72
C ALA A 134 -6.45 19.37 -15.43
N PRO A 135 -7.56 19.33 -14.71
CA PRO A 135 -8.80 18.91 -15.37
C PRO A 135 -9.28 19.96 -16.34
N THR A 136 -9.85 19.49 -17.43
CA THR A 136 -10.52 20.37 -18.42
C THR A 136 -11.84 20.91 -17.86
N SER A 137 -12.42 21.91 -18.54
CA SER A 137 -13.70 22.41 -18.03
C SER A 137 -14.80 21.34 -17.91
N SER A 138 -14.88 20.39 -18.85
CA SER A 138 -15.87 19.31 -18.74
C SER A 138 -15.53 18.39 -17.55
N GLN A 139 -14.24 18.22 -17.31
CA GLN A 139 -13.87 17.39 -16.15
C GLN A 139 -14.17 18.09 -14.85
N VAL A 140 -13.91 19.39 -14.79
CA VAL A 140 -14.35 20.22 -13.64
C VAL A 140 -15.87 20.14 -13.44
N ALA A 141 -16.64 20.16 -14.52
CA ALA A 141 -18.12 20.05 -14.44
C ALA A 141 -18.52 18.70 -13.84
N ALA A 142 -17.72 17.67 -14.12
CA ALA A 142 -17.90 16.35 -13.53
C ALA A 142 -17.47 16.26 -12.07
N GLY A 143 -16.81 17.30 -11.54
CA GLY A 143 -16.42 17.29 -10.15
C GLY A 143 -14.91 17.14 -9.92
N ALA A 144 -14.13 16.99 -10.96
CA ALA A 144 -12.66 16.93 -10.80
C ALA A 144 -12.14 18.30 -10.30
N ALA A 145 -11.21 18.27 -9.35
CA ALA A 145 -10.63 19.49 -8.79
C ALA A 145 -9.23 19.19 -8.26
N TYR A 146 -8.43 20.23 -8.05
CA TYR A 146 -7.13 20.05 -7.39
C TYR A 146 -6.72 21.35 -6.74
N ASN A 147 -5.83 21.23 -5.80
CA ASN A 147 -5.19 22.37 -5.17
C ASN A 147 -3.82 22.49 -5.75
N PRO A 148 -3.55 23.56 -6.53
CA PRO A 148 -2.27 23.67 -7.21
C PRO A 148 -1.06 23.63 -6.27
N ALA A 149 -1.21 24.04 -5.01
CA ALA A 149 -0.05 24.16 -4.12
C ALA A 149 0.49 22.81 -3.70
N VAL A 150 -0.32 21.76 -3.83
CA VAL A 150 0.06 20.39 -3.38
C VAL A 150 0.19 19.37 -4.53
N ASN A 151 0.19 19.84 -5.77
CA ASN A 151 0.46 18.95 -6.90
C ASN A 151 1.64 19.41 -7.74
N GLY A 152 2.54 18.49 -8.03
CA GLY A 152 3.65 18.74 -8.91
C GLY A 152 3.25 18.81 -10.36
N LYS A 153 4.03 19.56 -11.13
CA LYS A 153 3.77 19.73 -12.55
C LYS A 153 4.89 19.19 -13.45
N GLU A 154 5.95 18.63 -12.86
CA GLU A 154 7.17 18.39 -13.59
C GLU A 154 7.75 17.01 -13.35
N GLY A 155 7.13 16.23 -12.46
CA GLY A 155 7.75 14.94 -12.03
C GLY A 155 7.52 13.83 -13.05
N PRO A 156 8.14 12.65 -12.83
CA PRO A 156 8.06 11.59 -13.85
C PRO A 156 6.65 10.94 -13.91
N LEU A 157 5.89 10.97 -12.82
CA LEU A 157 4.62 10.23 -12.75
C LEU A 157 3.46 11.07 -13.20
N LYS A 158 2.91 10.74 -14.35
CA LYS A 158 1.70 11.41 -14.84
C LYS A 158 0.48 11.02 -14.03
N VAL A 159 -0.26 12.02 -13.61
CA VAL A 159 -1.49 11.86 -12.82
C VAL A 159 -2.56 12.73 -13.48
N GLY A 160 -3.80 12.22 -13.50
CA GLY A 160 -4.90 13.00 -14.05
C GLY A 160 -6.20 12.25 -14.05
N TRP A 161 -7.12 12.73 -14.87
CA TRP A 161 -8.47 12.15 -14.97
C TRP A 161 -8.69 11.68 -16.39
N SER A 162 -9.41 10.56 -16.49
CA SER A 162 -9.80 9.99 -17.79
C SER A 162 -10.46 11.02 -18.71
N GLY A 163 -10.05 11.01 -19.98
CA GLY A 163 -10.77 11.79 -20.98
C GLY A 163 -12.25 11.36 -21.07
N SER A 164 -12.62 10.18 -20.56
CA SER A 164 -14.03 9.71 -20.54
CA SER A 164 -14.03 9.71 -20.54
C SER A 164 -14.83 10.36 -19.43
N LEU A 165 -14.16 11.07 -18.49
CA LEU A 165 -14.88 11.57 -17.31
C LEU A 165 -16.05 12.49 -17.70
N ALA A 166 -17.25 12.19 -17.22
CA ALA A 166 -18.39 13.07 -17.48
C ALA A 166 -19.25 13.14 -16.24
N SER A 167 -19.93 14.27 -16.05
CA SER A 167 -20.91 14.37 -14.99
C SER A 167 -22.08 13.44 -15.33
N GLY A 168 -22.64 12.78 -14.32
CA GLY A 168 -23.77 11.88 -14.59
C GLY A 168 -24.59 11.77 -13.33
N ASN A 169 -25.74 11.13 -13.47
CA ASN A 169 -26.70 11.10 -12.39
C ASN A 169 -26.19 10.55 -11.05
N LEU A 170 -25.39 9.49 -11.13
CA LEU A 170 -24.93 8.77 -9.92
C LEU A 170 -23.98 9.60 -9.09
N SER A 171 -22.95 10.18 -9.74
CA SER A 171 -21.99 10.98 -8.98
C SER A 171 -22.58 12.27 -8.46
N VAL A 172 -23.54 12.89 -9.18
CA VAL A 172 -24.21 14.07 -8.69
C VAL A 172 -24.99 13.71 -7.43
N ALA A 173 -25.73 12.61 -7.51
CA ALA A 173 -26.59 12.17 -6.38
C ALA A 173 -25.70 11.82 -5.19
N LEU A 174 -24.57 11.16 -5.45
CA LEU A 174 -23.69 10.82 -4.31
C LEU A 174 -23.13 12.03 -3.62
N ASN A 175 -22.71 13.01 -4.40
CA ASN A 175 -22.19 14.28 -3.91
C ASN A 175 -23.22 14.88 -2.99
N ARG A 176 -24.45 15.04 -3.50
CA ARG A 176 -25.53 15.63 -2.71
C ARG A 176 -25.90 14.83 -1.46
N THR A 177 -25.91 13.51 -1.57
CA THR A 177 -26.27 12.67 -0.44
C THR A 177 -25.22 12.72 0.65
N PHE A 178 -23.92 12.67 0.26
CA PHE A 178 -22.90 12.80 1.30
C PHE A 178 -22.93 14.18 1.94
N GLN A 179 -23.15 15.24 1.15
CA GLN A 179 -23.22 16.60 1.71
CA GLN A 179 -23.23 16.60 1.69
C GLN A 179 -24.33 16.67 2.76
N ALA A 180 -25.50 16.10 2.44
CA ALA A 180 -26.64 16.08 3.38
C ALA A 180 -26.36 15.27 4.63
N ALA A 181 -25.47 14.29 4.55
CA ALA A 181 -25.06 13.53 5.71
C ALA A 181 -23.90 14.20 6.46
N GLY A 182 -23.51 15.40 6.05
CA GLY A 182 -22.48 16.13 6.78
C GLY A 182 -21.05 15.86 6.35
N VAL A 183 -20.87 15.21 5.19
CA VAL A 183 -19.53 14.93 4.66
C VAL A 183 -19.34 15.80 3.42
N PRO A 184 -18.47 16.79 3.54
CA PRO A 184 -18.36 17.75 2.46
C PRO A 184 -17.51 17.29 1.30
N TRP A 185 -17.83 17.85 0.14
CA TRP A 185 -17.01 17.74 -1.06
CA TRP A 185 -17.00 17.69 -1.03
C TRP A 185 -15.74 18.51 -0.81
N VAL A 186 -14.59 17.85 -0.98
CA VAL A 186 -13.28 18.51 -0.89
C VAL A 186 -12.57 18.52 -2.22
N GLU A 187 -11.88 19.61 -2.51
CA GLU A 187 -11.30 19.78 -3.81
C GLU A 187 -10.12 18.82 -4.06
N ASP A 188 -9.41 18.46 -3.02
CA ASP A 188 -8.16 17.72 -3.22
C ASP A 188 -7.91 16.93 -1.97
N VAL A 189 -7.91 15.59 -2.08
CA VAL A 189 -7.62 14.74 -0.87
C VAL A 189 -6.13 14.55 -0.62
N ASN A 190 -5.31 15.14 -1.48
CA ASN A 190 -3.84 14.94 -1.43
C ASN A 190 -3.04 16.06 -0.77
N GLY A 191 -3.75 16.91 -0.03
CA GLY A 191 -3.06 18.00 0.66
C GLY A 191 -2.90 17.79 2.14
N GLY A 192 -3.08 16.55 2.63
CA GLY A 192 -2.81 16.19 4.01
C GLY A 192 -4.07 16.10 4.86
N LYS A 193 -5.22 16.53 4.31
CA LYS A 193 -6.50 16.39 5.00
C LYS A 193 -7.43 15.66 4.07
N MET A 194 -7.72 14.41 4.37
CA MET A 194 -8.35 13.54 3.37
C MET A 194 -9.85 13.42 3.57
N ARG A 195 -10.39 13.76 4.75
CA ARG A 195 -11.82 13.56 5.00
C ARG A 195 -12.69 14.30 3.98
N GLY A 196 -13.66 13.58 3.44
CA GLY A 196 -14.60 14.20 2.52
C GLY A 196 -14.91 13.29 1.35
N PHE A 197 -15.59 13.86 0.37
CA PHE A 197 -16.07 13.18 -0.82
C PHE A 197 -15.22 13.83 -1.93
N ASN A 198 -14.72 13.04 -2.90
CA ASN A 198 -13.82 13.57 -3.91
C ASN A 198 -13.85 12.73 -5.20
N ILE A 199 -13.70 13.43 -6.33
CA ILE A 199 -13.49 12.77 -7.66
C ILE A 199 -11.97 12.65 -7.84
N TYR A 200 -11.44 11.49 -7.39
CA TYR A 200 -9.99 11.33 -7.22
C TYR A 200 -9.30 11.14 -8.57
N PRO A 201 -8.05 11.64 -8.69
CA PRO A 201 -7.26 11.43 -9.90
C PRO A 201 -6.60 10.02 -9.89
N SER A 202 -6.01 9.66 -11.04
CA SER A 202 -5.40 8.33 -11.23
C SER A 202 -3.99 8.49 -11.83
N THR A 203 -3.21 7.43 -11.71
CA THR A 203 -1.92 7.33 -12.39
C THR A 203 -2.17 6.92 -13.83
N LEU A 204 -2.34 7.95 -14.66
CA LEU A 204 -2.82 7.79 -16.03
C LEU A 204 -2.07 8.82 -16.92
N ASP A 205 -1.65 8.39 -18.10
CA ASP A 205 -1.15 9.35 -19.11
C ASP A 205 -2.38 9.69 -19.89
N VAL A 206 -2.92 10.88 -19.62
CA VAL A 206 -4.23 11.26 -20.20
C VAL A 206 -4.15 11.47 -21.71
N ASP A 207 -2.98 11.86 -22.21
CA ASP A 207 -2.68 12.02 -23.64
C ASP A 207 -2.74 10.71 -24.40
N LEU A 208 -1.92 9.75 -24.00
CA LEU A 208 -1.90 8.41 -24.60
C LEU A 208 -3.11 7.56 -24.16
N ASN A 209 -3.86 7.99 -23.12
CA ASN A 209 -4.90 7.19 -22.44
C ASN A 209 -4.40 5.79 -22.08
N VAL A 210 -3.36 5.76 -21.28
CA VAL A 210 -2.80 4.45 -20.84
CA VAL A 210 -2.73 4.50 -20.90
C VAL A 210 -2.45 4.57 -19.40
N ARG A 211 -2.50 3.45 -18.72
CA ARG A 211 -2.04 3.38 -17.34
C ARG A 211 -0.61 3.92 -17.23
N GLU A 212 -0.37 4.79 -16.24
CA GLU A 212 1.00 5.26 -15.97
C GLU A 212 1.57 4.44 -14.84
N ASP A 213 2.19 3.32 -15.19
CA ASP A 213 2.91 2.53 -14.18
C ASP A 213 4.32 3.05 -13.95
N ALA A 214 4.98 2.53 -12.94
CA ALA A 214 6.29 3.00 -12.53
C ALA A 214 7.36 2.85 -13.64
N ALA A 215 7.24 1.85 -14.51
CA ALA A 215 8.25 1.70 -15.57
C ALA A 215 8.03 2.77 -16.64
N ARG A 216 6.79 3.00 -17.07
CA ARG A 216 6.53 4.11 -18.02
C ARG A 216 6.94 5.46 -17.45
N ALA A 217 6.76 5.65 -16.13
CA ALA A 217 7.13 6.90 -15.50
C ALA A 217 8.64 7.05 -15.28
N TYR A 218 9.24 6.08 -14.61
CA TYR A 218 10.60 6.26 -14.11
C TYR A 218 11.67 5.47 -14.82
N TYR A 219 11.29 4.54 -15.71
CA TYR A 219 12.31 3.72 -16.40
C TYR A 219 12.40 4.03 -17.89
N PHE A 220 11.35 3.77 -18.66
CA PHE A 220 11.50 3.86 -20.15
C PHE A 220 11.98 5.24 -20.67
N PRO A 221 11.55 6.37 -20.04
CA PRO A 221 12.02 7.66 -20.58
C PRO A 221 13.52 7.89 -20.29
N TYR A 222 14.15 6.98 -19.53
CA TYR A 222 15.51 7.17 -19.03
C TYR A 222 16.38 5.99 -19.37
N ASP A 223 15.89 5.05 -20.19
CA ASP A 223 16.49 3.68 -20.26
C ASP A 223 17.82 3.65 -21.04
N ASP A 224 18.07 4.74 -21.72
CA ASP A 224 19.33 4.78 -22.46
C ASP A 224 20.46 5.43 -21.68
N ARG A 225 20.22 5.76 -20.42
CA ARG A 225 21.38 6.12 -19.57
C ARG A 225 22.39 4.98 -19.58
N LYS A 226 23.66 5.30 -19.89
CA LYS A 226 24.66 4.26 -20.04
C LYS A 226 25.09 3.66 -18.71
N ASN A 227 24.76 4.35 -17.61
CA ASN A 227 25.07 3.90 -16.24
C ASN A 227 23.92 3.19 -15.54
N LEU A 228 22.80 3.00 -16.26
CA LEU A 228 21.62 2.33 -15.65
C LEU A 228 21.45 1.03 -16.40
N HIS A 229 21.55 -0.10 -15.70
CA HIS A 229 21.52 -1.44 -16.27
C HIS A 229 20.35 -2.23 -15.71
N LEU A 230 19.72 -3.01 -16.58
CA LEU A 230 18.61 -3.83 -16.15
C LEU A 230 18.91 -5.31 -16.40
N LEU A 231 18.69 -6.14 -15.40
CA LEU A 231 18.70 -7.60 -15.59
C LEU A 231 17.29 -8.09 -15.28
N GLU A 232 16.48 -8.13 -16.34
CA GLU A 232 15.10 -8.61 -16.29
C GLU A 232 15.09 -10.15 -16.34
N ASN A 233 13.95 -10.77 -16.05
CA ASN A 233 13.83 -12.24 -15.96
C ASN A 233 14.91 -12.82 -15.04
N THR A 234 15.23 -12.11 -13.97
CA THR A 234 16.31 -12.48 -13.08
C THR A 234 15.83 -12.38 -11.66
N THR A 235 16.01 -13.45 -10.87
CA THR A 235 15.51 -13.46 -9.48
C THR A 235 16.68 -13.32 -8.51
N ALA A 236 16.57 -12.35 -7.59
CA ALA A 236 17.54 -12.24 -6.51
C ALA A 236 17.25 -13.32 -5.47
N ASN A 237 18.27 -14.10 -5.09
CA ASN A 237 18.08 -15.12 -4.05
C ASN A 237 18.35 -14.60 -2.65
N ARG A 238 19.49 -13.92 -2.49
CA ARG A 238 20.02 -13.49 -1.19
C ARG A 238 21.21 -12.59 -1.44
N LEU A 239 21.54 -11.82 -0.42
CA LEU A 239 22.76 -11.01 -0.40
C LEU A 239 23.90 -11.94 0.09
N PHE A 240 25.12 -11.59 -0.33
CA PHE A 240 26.33 -12.22 0.28
C PHE A 240 27.21 -11.12 0.83
N TRP A 241 28.09 -11.47 1.80
CA TRP A 241 28.72 -10.49 2.67
C TRP A 241 30.24 -10.53 2.56
N LYS A 242 30.89 -9.43 2.87
CA LYS A 242 32.34 -9.43 3.07
C LYS A 242 32.65 -10.28 4.29
N ASN A 243 33.83 -10.89 4.34
CA ASN A 243 34.25 -11.59 5.61
C ASN A 243 34.05 -10.77 6.94
N GLY A 244 34.19 -11.40 8.10
CA GLY A 244 33.93 -10.73 9.39
C GLY A 244 32.74 -11.34 10.10
N SER A 245 32.81 -11.40 11.44
CA SER A 245 31.80 -12.07 12.27
C SER A 245 31.60 -11.34 13.59
N GLU A 247 31.12 -8.26 13.68
CA GLU A 247 31.14 -6.89 13.19
C GLU A 247 29.90 -6.60 12.35
N GLU A 248 29.54 -5.32 12.25
CA GLU A 248 28.47 -4.81 11.35
C GLU A 248 28.68 -5.36 9.94
N ALA A 249 27.60 -5.85 9.31
CA ALA A 249 27.70 -6.65 8.09
C ALA A 249 27.80 -5.73 6.88
N ILE A 250 28.72 -6.06 5.98
CA ILE A 250 28.89 -5.29 4.73
C ILE A 250 28.49 -6.18 3.58
N ALA A 251 27.44 -5.79 2.86
CA ALA A 251 27.05 -6.59 1.73
C ALA A 251 28.03 -6.42 0.61
N ASP A 252 28.44 -7.55 0.04
CA ASP A 252 29.32 -7.58 -1.09
C ASP A 252 28.54 -7.65 -2.39
N GLY A 253 27.32 -8.18 -2.35
CA GLY A 253 26.60 -8.27 -3.61
C GLY A 253 25.34 -9.10 -3.39
N VAL A 254 24.75 -9.51 -4.53
CA VAL A 254 23.52 -10.30 -4.55
C VAL A 254 23.77 -11.56 -5.37
N GLU A 255 23.29 -12.68 -4.85
CA GLU A 255 23.27 -13.97 -5.60
C GLU A 255 21.98 -14.01 -6.38
N ILE A 256 22.10 -14.32 -7.67
CA ILE A 256 20.95 -14.30 -8.62
C ILE A 256 20.77 -15.63 -9.34
N THR A 257 19.54 -15.88 -9.74
CA THR A 257 19.19 -17.00 -10.60
C THR A 257 18.62 -16.48 -11.91
N SER A 258 19.23 -16.89 -13.01
CA SER A 258 18.80 -16.45 -14.36
C SER A 258 17.74 -17.42 -14.89
N ALA A 259 17.13 -17.05 -16.03
CA ALA A 259 15.98 -17.78 -16.61
C ALA A 259 16.35 -19.24 -16.92
N ASP A 260 17.61 -19.46 -17.26
CA ASP A 260 18.16 -20.82 -17.49
C ASP A 260 18.52 -21.59 -16.21
N GLY A 261 18.26 -21.02 -15.04
CA GLY A 261 18.45 -21.71 -13.78
C GLY A 261 19.86 -21.58 -13.20
N LYS A 262 20.75 -20.91 -13.91
CA LYS A 262 22.15 -20.75 -13.49
C LYS A 262 22.22 -19.72 -12.33
N VAL A 263 22.98 -20.07 -11.29
CA VAL A 263 23.21 -19.22 -10.11
C VAL A 263 24.55 -18.49 -10.23
N THR A 264 24.55 -17.16 -10.14
CA THR A 264 25.75 -16.35 -10.24
C THR A 264 25.65 -15.19 -9.27
N ARG A 265 26.72 -14.40 -9.23
CA ARG A 265 26.81 -13.25 -8.32
C ARG A 265 26.99 -11.96 -9.10
N VAL A 266 26.37 -10.89 -8.61
CA VAL A 266 26.67 -9.54 -9.02
C VAL A 266 27.12 -8.82 -7.75
N HIS A 267 28.06 -7.88 -7.93
CA HIS A 267 28.71 -7.21 -6.81
C HIS A 267 28.32 -5.73 -6.72
N ALA A 268 28.16 -5.23 -5.50
CA ALA A 268 27.90 -3.80 -5.27
C ALA A 268 29.08 -3.14 -4.58
N LYS A 269 29.50 -1.98 -5.09
CA LYS A 269 30.63 -1.27 -4.49
C LYS A 269 30.18 -0.35 -3.37
N LYS A 270 28.96 0.19 -3.46
CA LYS A 270 28.45 1.05 -2.43
C LYS A 270 27.33 0.37 -1.63
N GLU A 271 26.11 0.19 -2.19
CA GLU A 271 25.00 -0.33 -1.32
C GLU A 271 24.12 -1.25 -2.15
N VAL A 272 23.40 -2.11 -1.41
CA VAL A 272 22.33 -2.92 -2.00
C VAL A 272 21.04 -2.35 -1.41
N ILE A 273 20.16 -1.98 -2.33
CA ILE A 273 18.84 -1.48 -1.97
C ILE A 273 17.81 -2.56 -2.31
N ILE A 274 17.07 -2.99 -1.30
CA ILE A 274 16.10 -4.09 -1.49
C ILE A 274 14.69 -3.47 -1.62
N SER A 275 14.08 -3.67 -2.79
CA SER A 275 12.77 -3.06 -3.16
C SER A 275 11.88 -4.13 -3.76
N ALA A 276 11.87 -5.31 -3.15
CA ALA A 276 11.16 -6.44 -3.76
C ALA A 276 9.68 -6.55 -3.28
N GLY A 277 9.22 -5.54 -2.53
CA GLY A 277 7.84 -5.48 -2.01
C GLY A 277 7.76 -6.06 -0.61
N ALA A 278 6.66 -5.75 0.06
CA ALA A 278 6.52 -6.10 1.49
C ALA A 278 6.44 -7.58 1.70
N LEU A 279 6.13 -8.32 0.64
CA LEU A 279 6.04 -9.79 0.78
C LEU A 279 7.25 -10.51 0.28
N ARG A 280 8.31 -9.77 -0.09
CA ARG A 280 9.54 -10.41 -0.56
C ARG A 280 10.76 -9.81 0.07
N SER A 281 10.81 -8.48 0.25
CA SER A 281 12.04 -7.95 0.89
C SER A 281 12.43 -8.63 2.21
N PRO A 282 11.48 -8.88 3.15
CA PRO A 282 11.88 -9.55 4.41
C PRO A 282 12.38 -10.97 4.16
N LEU A 283 11.84 -11.64 3.15
CA LEU A 283 12.33 -13.01 2.80
C LEU A 283 13.76 -12.94 2.31
N ILE A 284 14.08 -11.94 1.49
CA ILE A 284 15.44 -11.80 0.97
C ILE A 284 16.40 -11.53 2.14
N LEU A 285 15.97 -10.71 3.12
CA LEU A 285 16.80 -10.51 4.31
C LEU A 285 17.01 -11.83 5.07
N GLU A 286 15.93 -12.60 5.27
CA GLU A 286 16.07 -13.88 6.00
C GLU A 286 17.03 -14.83 5.30
N LEU A 287 16.88 -14.96 3.98
CA LEU A 287 17.75 -15.84 3.20
C LEU A 287 19.20 -15.38 3.25
N SER A 288 19.43 -14.08 3.48
CA SER A 288 20.76 -13.51 3.63
C SER A 288 21.29 -13.64 5.04
N GLY A 289 20.56 -14.28 5.95
CA GLY A 289 20.97 -14.38 7.32
C GLY A 289 20.62 -13.21 8.22
N VAL A 290 19.67 -12.35 7.80
CA VAL A 290 19.30 -11.16 8.59
C VAL A 290 17.85 -11.42 9.02
N GLY A 291 17.64 -11.72 10.30
CA GLY A 291 16.31 -12.00 10.79
C GLY A 291 16.39 -12.75 12.10
N ASN A 292 15.32 -13.48 12.39
CA ASN A 292 15.21 -14.19 13.67
C ASN A 292 16.09 -15.44 13.59
N PRO A 293 17.15 -15.54 14.44
CA PRO A 293 18.10 -16.64 14.25
C PRO A 293 17.44 -18.00 14.38
N THR A 294 16.41 -18.12 15.19
CA THR A 294 15.75 -19.43 15.34
C THR A 294 15.10 -19.84 14.01
N ILE A 295 14.44 -18.90 13.33
CA ILE A 295 13.83 -19.22 12.04
C ILE A 295 14.91 -19.52 11.00
N LEU A 296 15.98 -18.73 10.98
CA LEU A 296 17.06 -18.92 10.05
C LEU A 296 17.73 -20.33 10.24
N LYS A 297 18.03 -20.69 11.49
CA LYS A 297 18.68 -21.99 11.69
C LYS A 297 17.73 -23.15 11.38
N LYS A 298 16.46 -23.03 11.74
CA LYS A 298 15.50 -24.08 11.39
C LYS A 298 15.50 -24.35 9.88
N ASN A 299 15.73 -23.28 9.09
CA ASN A 299 15.67 -23.34 7.66
C ASN A 299 17.09 -23.41 7.05
N ASN A 300 18.09 -23.85 7.81
CA ASN A 300 19.43 -24.12 7.25
C ASN A 300 20.18 -22.89 6.75
N ILE A 301 19.94 -21.76 7.43
CA ILE A 301 20.65 -20.54 7.15
C ILE A 301 21.54 -20.22 8.33
N THR A 302 22.75 -19.72 8.01
CA THR A 302 23.68 -19.28 9.04
C THR A 302 23.32 -17.80 9.36
N PRO A 303 22.93 -17.53 10.62
CA PRO A 303 22.57 -16.12 10.93
C PRO A 303 23.76 -15.21 10.77
N ARG A 304 23.51 -14.02 10.20
CA ARG A 304 24.57 -13.02 10.07
C ARG A 304 24.25 -11.82 10.96
N VAL A 305 22.97 -11.46 11.05
CA VAL A 305 22.50 -10.33 11.87
C VAL A 305 21.27 -10.80 12.63
N ASP A 306 21.32 -10.71 13.96
CA ASP A 306 20.23 -11.09 14.83
C ASP A 306 19.24 -9.93 14.86
N LEU A 307 18.18 -10.04 14.06
CA LEU A 307 17.19 -8.94 13.89
C LEU A 307 15.81 -9.58 13.78
N PRO A 308 15.29 -10.05 14.93
CA PRO A 308 14.17 -10.99 14.86
C PRO A 308 12.81 -10.40 14.46
N THR A 309 12.71 -9.09 14.31
CA THR A 309 11.48 -8.52 13.80
C THR A 309 11.45 -8.42 12.27
N VAL A 310 12.46 -8.91 11.57
CA VAL A 310 12.31 -9.06 10.09
C VAL A 310 11.12 -9.96 9.83
N GLY A 311 10.17 -9.50 9.00
CA GLY A 311 8.95 -10.27 8.74
C GLY A 311 7.81 -10.09 9.73
N GLU A 312 8.10 -9.52 10.90
CA GLU A 312 7.04 -9.22 11.85
C GLU A 312 6.39 -7.88 11.53
N ASN A 313 5.33 -7.57 12.26
CA ASN A 313 4.62 -6.29 12.11
C ASN A 313 3.98 -6.11 10.73
N LEU A 314 3.64 -7.26 10.10
CA LEU A 314 2.86 -7.20 8.87
C LEU A 314 1.45 -6.65 9.17
N GLN A 315 1.06 -5.60 8.42
CA GLN A 315 -0.27 -4.94 8.60
C GLN A 315 -0.88 -4.84 7.22
N ASP A 316 -2.13 -5.32 7.09
CA ASP A 316 -2.83 -5.19 5.81
C ASP A 316 -4.28 -4.81 6.10
N GLN A 317 -5.00 -4.37 5.08
CA GLN A 317 -6.44 -4.07 5.23
C GLN A 317 -7.19 -5.17 4.49
N PHE A 318 -8.50 -5.23 4.76
CA PHE A 318 -9.35 -6.13 3.98
C PHE A 318 -10.55 -5.38 3.40
N ASN A 319 -10.94 -5.84 2.22
CA ASN A 319 -11.85 -5.15 1.31
C ASN A 319 -13.14 -5.96 1.20
N ASN A 320 -14.27 -5.26 1.28
CA ASN A 320 -15.55 -5.84 0.97
C ASN A 320 -16.27 -5.03 -0.09
N GLY A 321 -17.33 -5.61 -0.64
CA GLY A 321 -18.09 -4.92 -1.69
C GLY A 321 -19.57 -4.96 -1.43
N MET A 322 -20.24 -3.90 -1.81
CA MET A 322 -21.71 -3.84 -1.80
C MET A 322 -22.19 -3.37 -3.17
N ALA A 323 -23.50 -3.46 -3.41
CA ALA A 323 -23.98 -3.05 -4.71
C ALA A 323 -25.44 -2.71 -4.63
N GLY A 324 -25.89 -1.88 -5.57
CA GLY A 324 -27.33 -1.58 -5.71
C GLY A 324 -27.71 -1.56 -7.19
N GLU A 325 -29.02 -1.46 -7.44
CA GLU A 325 -29.54 -1.44 -8.82
C GLU A 325 -30.38 -0.21 -8.94
N GLY A 326 -30.13 0.56 -10.02
CA GLY A 326 -30.92 1.76 -10.29
C GLY A 326 -32.27 1.41 -10.91
N TYR A 327 -33.22 2.34 -10.81
CA TYR A 327 -34.45 2.22 -11.65
C TYR A 327 -34.07 2.21 -13.13
N GLY A 328 -33.03 2.98 -13.50
CA GLY A 328 -32.57 2.97 -14.84
C GLY A 328 -31.06 3.03 -14.86
N VAL A 329 -30.49 3.42 -16.00
CA VAL A 329 -29.03 3.46 -16.16
C VAL A 329 -28.40 4.45 -15.21
N LEU A 330 -27.25 4.07 -14.64
CA LEU A 330 -26.49 4.96 -13.78
C LEU A 330 -25.17 5.33 -14.45
N ALA A 331 -24.76 6.60 -14.36
CA ALA A 331 -23.49 7.04 -14.97
C ALA A 331 -22.84 8.14 -14.15
N GLY A 332 -21.59 8.48 -14.48
CA GLY A 332 -20.98 9.68 -13.90
C GLY A 332 -19.56 9.32 -13.49
N ALA A 333 -19.04 10.19 -12.65
CA ALA A 333 -17.71 10.01 -12.10
C ALA A 333 -17.63 8.83 -11.11
N SER A 334 -16.45 8.23 -11.01
CA SER A 334 -16.07 7.37 -9.85
C SER A 334 -15.72 8.27 -8.68
N THR A 335 -16.23 7.92 -7.50
CA THR A 335 -16.08 8.80 -6.35
C THR A 335 -15.42 8.05 -5.21
N VAL A 336 -14.72 8.79 -4.39
CA VAL A 336 -14.20 8.25 -3.16
C VAL A 336 -14.74 9.06 -2.01
N THR A 337 -15.01 8.38 -0.91
CA THR A 337 -15.36 9.08 0.33
C THR A 337 -14.47 8.57 1.45
N TYR A 338 -13.95 9.50 2.27
CA TYR A 338 -13.06 9.19 3.39
C TYR A 338 -13.76 9.72 4.66
N PRO A 339 -14.64 8.90 5.24
CA PRO A 339 -15.40 9.31 6.47
C PRO A 339 -14.58 9.10 7.72
N SER A 340 -14.76 10.02 8.67
CA SER A 340 -14.18 9.83 10.01
C SER A 340 -15.03 8.86 10.83
N ILE A 341 -14.53 8.56 12.04
CA ILE A 341 -15.24 7.67 12.95
C ILE A 341 -16.68 8.19 13.26
N SER A 342 -16.80 9.49 13.45
CA SER A 342 -18.10 10.08 13.76
C SER A 342 -18.96 10.19 12.53
N ASP A 343 -18.37 10.31 11.33
CA ASP A 343 -19.22 10.20 10.15
C ASP A 343 -19.87 8.84 10.03
N VAL A 344 -19.07 7.78 10.30
CA VAL A 344 -19.56 6.43 10.19
C VAL A 344 -20.55 6.07 11.28
N PHE A 345 -20.20 6.46 12.50
CA PHE A 345 -20.97 5.92 13.63
C PHE A 345 -21.98 6.89 14.29
N GLY A 346 -21.91 8.17 13.95
CA GLY A 346 -22.89 9.22 14.44
C GLY A 346 -23.04 9.11 15.96
N ASN A 347 -24.28 8.99 16.42
CA ASN A 347 -24.55 8.86 17.87
C ASN A 347 -23.87 7.73 18.66
N GLU A 348 -23.51 6.63 17.98
CA GLU A 348 -22.76 5.54 18.66
C GLU A 348 -21.25 5.81 18.85
N THR A 349 -20.72 6.91 18.31
CA THR A 349 -19.26 7.12 18.30
C THR A 349 -18.63 6.99 19.68
N ASP A 350 -19.18 7.73 20.65
CA ASP A 350 -18.61 7.68 21.99
C ASP A 350 -18.52 6.27 22.60
N SER A 351 -19.52 5.42 22.38
CA SER A 351 -19.43 4.08 22.94
C SER A 351 -18.46 3.19 22.16
N ILE A 352 -18.39 3.38 20.83
CA ILE A 352 -17.38 2.69 20.02
C ILE A 352 -15.99 3.06 20.52
N VAL A 353 -15.77 4.35 20.75
CA VAL A 353 -14.47 4.84 21.19
C VAL A 353 -14.14 4.22 22.56
N ALA A 354 -15.12 4.24 23.45
CA ALA A 354 -14.86 3.72 24.80
C ALA A 354 -14.53 2.25 24.80
N SER A 355 -15.25 1.46 23.99
CA SER A 355 -14.91 0.02 23.82
C SER A 355 -13.53 -0.20 23.26
N LEU A 356 -13.23 0.52 22.16
CA LEU A 356 -11.86 0.47 21.63
C LEU A 356 -10.75 0.82 22.66
N ARG A 357 -10.91 1.95 23.34
CA ARG A 357 -9.93 2.37 24.37
C ARG A 357 -9.72 1.26 25.36
N SER A 358 -10.82 0.61 25.75
CA SER A 358 -10.76 -0.45 26.78
C SER A 358 -10.07 -1.73 26.28
N GLN A 359 -9.88 -1.87 24.95
CA GLN A 359 -9.29 -3.10 24.42
C GLN A 359 -7.81 -3.00 23.98
N LEU A 360 -7.27 -1.78 23.98
CA LEU A 360 -5.93 -1.55 23.42
C LEU A 360 -4.83 -2.38 24.06
N SER A 361 -4.84 -2.46 25.42
CA SER A 361 -3.78 -3.23 26.06
C SER A 361 -3.91 -4.73 25.79
N ASP A 362 -5.16 -5.21 25.71
CA ASP A 362 -5.45 -6.57 25.30
C ASP A 362 -4.95 -6.83 23.87
N TYR A 363 -5.19 -5.88 22.96
CA TYR A 363 -4.70 -6.08 21.58
C TYR A 363 -3.20 -6.24 21.62
N ALA A 364 -2.53 -5.34 22.36
CA ALA A 364 -1.07 -5.36 22.45
C ALA A 364 -0.56 -6.70 22.97
N ALA A 365 -1.20 -7.19 24.05
CA ALA A 365 -0.77 -8.46 24.63
C ALA A 365 -0.90 -9.63 23.67
N ALA A 366 -1.98 -9.62 22.89
CA ALA A 366 -2.22 -10.64 21.90
C ALA A 366 -1.16 -10.56 20.79
N THR A 367 -0.83 -9.33 20.38
CA THR A 367 0.17 -9.19 19.31
C THR A 367 1.59 -9.60 19.78
N VAL A 368 1.90 -9.45 21.09
CA VAL A 368 3.19 -9.90 21.60
C VAL A 368 3.38 -11.38 21.22
N LYS A 369 2.34 -12.19 21.42
CA LYS A 369 2.42 -13.62 21.10
C LYS A 369 2.68 -13.93 19.61
N VAL A 370 2.12 -13.08 18.73
CA VAL A 370 2.35 -13.22 17.28
C VAL A 370 3.84 -13.23 16.91
N SER A 371 4.64 -12.36 17.54
CA SER A 371 6.10 -12.38 17.32
C SER A 371 6.89 -13.21 18.32
N ASN A 372 6.18 -14.02 19.11
CA ASN A 372 6.81 -14.77 20.22
C ASN A 372 7.61 -13.84 21.11
N GLY A 373 7.11 -12.65 21.33
CA GLY A 373 7.76 -11.74 22.23
C GLY A 373 8.88 -10.88 21.67
N HIS A 374 9.14 -10.90 20.35
CA HIS A 374 10.08 -9.96 19.76
C HIS A 374 9.60 -8.51 19.61
N MET A 375 8.29 -8.32 19.77
CA MET A 375 7.76 -7.01 20.13
C MET A 375 7.34 -7.05 21.59
N LYS A 376 7.69 -5.99 22.31
CA LYS A 376 7.33 -5.81 23.72
C LYS A 376 5.94 -5.23 23.92
N GLN A 377 5.29 -5.65 24.99
CA GLN A 377 3.97 -5.15 25.36
C GLN A 377 3.88 -3.65 25.41
N GLU A 378 4.83 -2.99 26.09
CA GLU A 378 4.77 -1.54 26.25
C GLU A 378 4.91 -0.83 24.91
N ASP A 379 5.70 -1.42 24.00
CA ASP A 379 5.99 -0.82 22.66
C ASP A 379 4.76 -0.97 21.78
N LEU A 380 4.14 -2.14 21.82
CA LEU A 380 2.89 -2.32 21.07
C LEU A 380 1.78 -1.41 21.67
N GLU A 381 1.79 -1.21 22.99
CA GLU A 381 0.78 -0.31 23.56
C GLU A 381 0.98 1.11 23.08
N ARG A 382 2.23 1.53 22.95
CA ARG A 382 2.56 2.89 22.51
C ARG A 382 2.15 3.01 21.02
N LEU A 383 2.48 2.00 20.24
CA LEU A 383 2.06 2.04 18.81
C LEU A 383 0.55 2.09 18.67
N TYR A 384 -0.16 1.23 19.38
CA TYR A 384 -1.61 1.21 19.30
C TYR A 384 -2.28 2.47 19.85
N GLN A 385 -1.64 3.09 20.85
CA GLN A 385 -2.09 4.38 21.31
C GLN A 385 -1.97 5.48 20.25
N LEU A 386 -0.87 5.47 19.50
CA LEU A 386 -0.69 6.48 18.45
C LEU A 386 -1.81 6.29 17.41
N GLN A 387 -2.09 5.04 17.05
CA GLN A 387 -3.15 4.76 16.06
C GLN A 387 -4.52 5.17 16.57
N PHE A 388 -4.78 4.85 17.85
CA PHE A 388 -6.03 5.19 18.48
C PHE A 388 -6.19 6.73 18.47
N ASP A 389 -5.14 7.46 18.78
CA ASP A 389 -5.23 8.92 18.85
C ASP A 389 -5.47 9.52 17.45
N LEU A 390 -4.87 8.92 16.41
CA LEU A 390 -5.22 9.41 15.07
C LEU A 390 -6.70 9.25 14.79
N ILE A 391 -7.24 8.07 15.12
CA ILE A 391 -8.63 7.81 14.84
C ILE A 391 -9.55 8.76 15.63
N VAL A 392 -9.26 8.85 16.93
CA VAL A 392 -10.24 9.43 17.89
C VAL A 392 -10.01 10.92 18.11
N LYS A 393 -8.75 11.33 18.23
CA LYS A 393 -8.40 12.75 18.51
C LYS A 393 -8.22 13.55 17.23
N ASP A 394 -7.40 13.06 16.29
CA ASP A 394 -7.22 13.76 15.02
C ASP A 394 -8.36 13.52 14.01
N LYS A 395 -9.20 12.51 14.24
CA LYS A 395 -10.36 12.19 13.40
C LYS A 395 -9.90 11.89 11.99
N VAL A 396 -8.77 11.18 11.85
CA VAL A 396 -8.41 10.74 10.48
C VAL A 396 -9.49 9.81 9.90
N PRO A 397 -9.58 9.73 8.56
CA PRO A 397 -10.60 8.83 8.06
C PRO A 397 -10.40 7.37 8.52
N ILE A 398 -11.49 6.66 8.77
CA ILE A 398 -11.43 5.28 9.23
C ILE A 398 -11.80 4.29 8.11
N ALA A 399 -12.25 4.82 6.96
CA ALA A 399 -12.71 4.02 5.85
C ALA A 399 -12.33 4.73 4.55
N GLU A 400 -12.08 3.91 3.53
CA GLU A 400 -12.23 4.37 2.14
C GLU A 400 -13.46 3.70 1.55
N ILE A 401 -14.34 4.51 0.96
CA ILE A 401 -15.52 3.99 0.27
C ILE A 401 -15.48 4.47 -1.18
N LEU A 402 -15.37 3.50 -2.09
CA LEU A 402 -15.44 3.81 -3.56
C LEU A 402 -16.83 3.55 -4.04
N PHE A 403 -17.38 4.47 -4.82
CA PHE A 403 -18.65 4.25 -5.50
C PHE A 403 -18.43 4.51 -6.97
N HIS A 404 -18.92 3.60 -7.77
CA HIS A 404 -18.91 3.91 -9.19
C HIS A 404 -19.95 3.14 -9.96
N PRO A 405 -20.22 3.61 -11.19
CA PRO A 405 -21.18 2.90 -12.03
C PRO A 405 -20.64 1.51 -12.34
N GLY A 406 -21.47 0.50 -12.21
CA GLY A 406 -21.01 -0.85 -12.46
C GLY A 406 -21.40 -1.38 -13.83
N GLY A 407 -21.96 -0.52 -14.68
CA GLY A 407 -22.51 -0.97 -15.99
C GLY A 407 -24.03 -1.03 -15.91
N GLY A 408 -24.70 -0.40 -16.88
CA GLY A 408 -26.17 -0.42 -16.95
C GLY A 408 -26.73 0.22 -15.73
N ASN A 409 -27.60 -0.51 -15.02
CA ASN A 409 -28.22 0.07 -13.85
C ASN A 409 -27.47 -0.22 -12.55
N ALA A 410 -26.26 -0.76 -12.66
CA ALA A 410 -25.57 -1.19 -11.43
C ALA A 410 -24.80 -0.06 -10.78
N VAL A 411 -24.86 -0.03 -9.45
CA VAL A 411 -23.92 0.82 -8.67
C VAL A 411 -23.10 -0.12 -7.81
N SER A 412 -21.76 0.01 -7.88
CA SER A 412 -20.85 -0.84 -7.09
C SER A 412 -20.18 0.03 -6.07
N SER A 413 -19.98 -0.54 -4.88
CA SER A 413 -19.18 0.09 -3.86
C SER A 413 -18.15 -0.89 -3.38
N GLU A 414 -16.94 -0.42 -3.17
CA GLU A 414 -15.90 -1.25 -2.58
C GLU A 414 -15.44 -0.45 -1.40
N PHE A 415 -15.15 -1.11 -0.31
CA PHE A 415 -14.77 -0.38 0.88
C PHE A 415 -13.85 -1.16 1.78
N TRP A 416 -13.13 -0.44 2.60
CA TRP A 416 -12.27 -1.09 3.61
C TRP A 416 -12.04 -0.22 4.79
N GLY A 417 -11.99 -0.84 5.98
CA GLY A 417 -11.47 -0.06 7.14
C GLY A 417 -9.99 0.25 6.93
N LEU A 418 -9.58 1.48 7.18
CA LEU A 418 -8.19 1.93 6.91
C LEU A 418 -7.19 1.50 7.93
N LEU A 419 -7.64 1.46 9.20
CA LEU A 419 -6.69 1.29 10.29
C LEU A 419 -7.12 0.16 11.23
N PRO A 420 -7.18 -1.08 10.71
CA PRO A 420 -7.32 -2.21 11.62
C PRO A 420 -6.10 -2.34 12.53
N PHE A 421 -6.27 -2.98 13.67
CA PHE A 421 -5.14 -3.17 14.57
C PHE A 421 -4.42 -4.51 14.41
N ALA A 422 -5.01 -5.48 13.71
CA ALA A 422 -4.37 -6.79 13.59
C ALA A 422 -2.97 -6.66 13.01
N ARG A 423 -2.01 -7.34 13.62
CA ARG A 423 -0.70 -7.53 13.00
C ARG A 423 -0.40 -9.00 12.82
N GLY A 424 0.30 -9.31 11.75
CA GLY A 424 0.68 -10.70 11.51
C GLY A 424 2.15 -10.75 11.13
N ASN A 425 2.51 -11.73 10.34
CA ASN A 425 3.91 -11.85 9.87
C ASN A 425 4.06 -12.61 8.59
N ILE A 426 5.27 -12.56 8.03
CA ILE A 426 5.66 -13.38 6.86
C ILE A 426 7.06 -13.92 7.17
N HIS A 427 7.26 -15.21 6.89
CA HIS A 427 8.59 -15.84 7.08
C HIS A 427 8.82 -16.86 5.98
N ILE A 428 10.09 -17.06 5.66
CA ILE A 428 10.46 -18.15 4.76
C ILE A 428 9.96 -19.49 5.31
N SER A 429 9.69 -20.39 4.36
CA SER A 429 9.36 -21.80 4.73
C SER A 429 10.50 -22.72 4.42
N SER A 430 11.57 -22.22 3.84
CA SER A 430 12.74 -23.01 3.45
C SER A 430 13.86 -22.07 3.08
N ASN A 431 15.09 -22.57 2.93
CA ASN A 431 16.11 -21.78 2.28
C ASN A 431 16.05 -21.85 0.77
N ASP A 432 15.09 -22.60 0.21
CA ASP A 432 14.93 -22.61 -1.23
C ASP A 432 14.21 -21.31 -1.62
N PRO A 433 14.90 -20.45 -2.39
CA PRO A 433 14.31 -19.14 -2.65
C PRO A 433 12.97 -19.20 -3.41
N THR A 434 12.69 -20.33 -4.05
CA THR A 434 11.43 -20.52 -4.82
C THR A 434 10.25 -21.00 -3.93
N ALA A 435 10.52 -21.42 -2.69
CA ALA A 435 9.47 -21.99 -1.83
C ALA A 435 8.50 -20.91 -1.37
N PRO A 436 7.20 -21.22 -1.28
CA PRO A 436 6.22 -20.23 -0.84
C PRO A 436 6.40 -19.88 0.63
N ALA A 437 6.40 -18.58 0.96
CA ALA A 437 6.50 -18.16 2.34
C ALA A 437 5.24 -18.49 3.12
N ALA A 438 5.37 -18.49 4.44
CA ALA A 438 4.21 -18.55 5.33
C ALA A 438 3.80 -17.11 5.56
N ILE A 439 2.65 -16.78 4.97
CA ILE A 439 2.16 -15.37 5.02
C ILE A 439 0.89 -15.33 5.85
N ASN A 440 0.91 -14.57 6.95
CA ASN A 440 -0.25 -14.56 7.85
C ASN A 440 -0.63 -13.12 8.27
N PRO A 441 -1.56 -12.49 7.56
CA PRO A 441 -1.93 -11.11 7.98
C PRO A 441 -2.79 -11.00 9.19
N ASN A 442 -3.37 -12.11 9.62
CA ASN A 442 -4.25 -12.15 10.79
C ASN A 442 -5.47 -11.27 10.60
N TYR A 443 -6.06 -11.32 9.41
CA TYR A 443 -7.30 -10.57 9.18
C TYR A 443 -8.40 -10.88 10.22
N PHE A 444 -9.08 -9.82 10.66
CA PHE A 444 -10.17 -9.85 11.67
C PHE A 444 -9.70 -10.32 13.08
N MET A 445 -8.41 -10.27 13.35
CA MET A 445 -7.94 -10.70 14.69
C MET A 445 -8.58 -9.92 15.82
N PHE A 446 -8.81 -8.62 15.64
CA PHE A 446 -9.26 -7.79 16.75
C PHE A 446 -10.65 -7.29 16.52
N GLU A 447 -11.38 -7.08 17.63
CA GLU A 447 -12.78 -6.73 17.52
C GLU A 447 -13.03 -5.46 16.69
N TRP A 448 -12.24 -4.41 16.90
CA TRP A 448 -12.37 -3.14 16.15
C TRP A 448 -12.32 -3.39 14.65
N ASP A 449 -11.47 -4.31 14.24
CA ASP A 449 -11.23 -4.50 12.80
C ASP A 449 -12.53 -4.90 12.06
N GLY A 450 -13.29 -5.84 12.64
CA GLY A 450 -14.55 -6.31 12.04
C GLY A 450 -15.70 -5.38 12.41
N LYS A 451 -15.67 -4.81 13.61
CA LYS A 451 -16.73 -3.90 14.05
C LYS A 451 -16.76 -2.60 13.20
N SER A 452 -15.56 -2.07 12.88
CA SER A 452 -15.46 -0.87 12.04
C SER A 452 -15.86 -1.27 10.61
N GLN A 453 -15.43 -2.45 10.11
CA GLN A 453 -15.85 -2.84 8.76
C GLN A 453 -17.38 -2.96 8.67
N ALA A 454 -17.99 -3.54 9.72
CA ALA A 454 -19.46 -3.60 9.75
C ALA A 454 -20.12 -2.21 9.83
N GLY A 455 -19.55 -1.30 10.61
CA GLY A 455 -20.06 0.06 10.67
C GLY A 455 -20.02 0.72 9.31
N ILE A 456 -18.94 0.45 8.59
CA ILE A 456 -18.81 0.99 7.24
C ILE A 456 -19.83 0.43 6.28
N ALA A 457 -20.06 -0.89 6.31
CA ALA A 457 -21.07 -1.54 5.48
C ALA A 457 -22.46 -0.97 5.79
N LYS A 458 -22.75 -0.81 7.10
CA LYS A 458 -24.03 -0.27 7.47
C LYS A 458 -24.22 1.14 6.97
N TYR A 459 -23.16 1.91 6.98
CA TYR A 459 -23.17 3.29 6.54
C TYR A 459 -23.44 3.35 5.05
N ILE A 460 -22.83 2.44 4.29
CA ILE A 460 -23.09 2.38 2.83
C ILE A 460 -24.56 2.02 2.59
N ARG A 461 -25.09 1.04 3.33
CA ARG A 461 -26.54 0.73 3.21
C ARG A 461 -27.37 1.99 3.44
N LYS A 462 -27.01 2.77 4.46
CA LYS A 462 -27.78 3.96 4.81
C LYS A 462 -27.68 5.00 3.70
N ILE A 463 -26.47 5.17 3.12
CA ILE A 463 -26.27 6.16 2.09
C ILE A 463 -27.12 5.83 0.85
N LEU A 464 -27.18 4.57 0.48
CA LEU A 464 -27.96 4.14 -0.66
C LEU A 464 -29.48 4.44 -0.47
N ARG A 465 -29.92 4.42 0.78
CA ARG A 465 -31.28 4.77 1.20
C ARG A 465 -31.54 6.25 1.49
N SER A 466 -30.53 7.09 1.38
CA SER A 466 -30.64 8.50 1.72
C SER A 466 -30.88 9.40 0.49
N ALA A 467 -31.47 10.57 0.73
CA ALA A 467 -31.82 11.46 -0.36
C ALA A 467 -30.64 12.36 -0.73
N PRO A 468 -30.49 12.70 -2.02
CA PRO A 468 -31.37 12.33 -3.12
C PRO A 468 -31.00 11.01 -3.82
N LEU A 469 -29.92 10.33 -3.39
CA LEU A 469 -29.53 9.09 -4.07
C LEU A 469 -30.64 8.03 -4.14
N ASN A 470 -31.47 7.98 -3.08
CA ASN A 470 -32.52 6.97 -2.98
C ASN A 470 -33.56 7.05 -4.11
N LYS A 471 -33.66 8.22 -4.75
CA LYS A 471 -34.57 8.41 -5.89
C LYS A 471 -34.04 7.70 -7.14
N LEU A 472 -32.73 7.45 -7.18
CA LEU A 472 -32.14 6.67 -8.28
C LEU A 472 -32.05 5.17 -8.07
N ILE A 473 -32.06 4.71 -6.81
CA ILE A 473 -31.78 3.31 -6.46
C ILE A 473 -33.05 2.55 -6.15
N ALA A 474 -33.29 1.49 -6.91
CA ALA A 474 -34.47 0.64 -6.76
C ALA A 474 -34.29 -0.27 -5.54
N LYS A 475 -33.09 -0.82 -5.40
CA LYS A 475 -32.80 -1.73 -4.26
C LYS A 475 -31.30 -2.00 -4.12
N GLU A 476 -30.96 -2.37 -2.90
CA GLU A 476 -29.67 -2.94 -2.60
C GLU A 476 -29.64 -4.39 -3.06
N THR A 477 -28.62 -4.81 -3.80
CA THR A 477 -28.46 -6.16 -4.27
C THR A 477 -27.36 -6.95 -3.56
N LYS A 478 -26.38 -6.26 -2.93
CA LYS A 478 -25.30 -6.97 -2.24
C LYS A 478 -24.95 -6.20 -0.99
N PRO A 479 -25.11 -6.80 0.22
CA PRO A 479 -25.67 -8.15 0.42
C PRO A 479 -27.16 -8.28 0.06
N GLY A 480 -27.91 -7.18 0.14
CA GLY A 480 -29.37 -7.22 -0.02
C GLY A 480 -29.99 -7.61 1.31
N LEU A 481 -31.31 -7.42 1.37
CA LEU A 481 -32.06 -7.54 2.60
C LEU A 481 -32.44 -8.96 2.94
N SER A 482 -32.52 -9.85 1.95
CA SER A 482 -32.73 -11.29 2.26
C SER A 482 -31.55 -11.87 3.00
N GLU A 483 -30.34 -11.55 2.53
CA GLU A 483 -29.14 -12.09 3.15
C GLU A 483 -28.92 -11.41 4.49
N ILE A 484 -29.01 -10.09 4.52
CA ILE A 484 -28.73 -9.33 5.72
C ILE A 484 -29.93 -8.44 5.97
N PRO A 485 -30.87 -8.93 6.81
CA PRO A 485 -32.06 -8.08 7.03
C PRO A 485 -31.78 -6.70 7.66
N ALA A 486 -32.74 -5.79 7.59
CA ALA A 486 -32.56 -4.46 8.16
C ALA A 486 -32.17 -4.47 9.63
N THR A 487 -32.71 -5.41 10.40
CA THR A 487 -32.41 -5.45 11.83
C THR A 487 -31.30 -6.43 12.24
N ALA A 488 -30.49 -6.88 11.28
CA ALA A 488 -29.40 -7.83 11.58
C ALA A 488 -28.43 -7.28 12.64
N ALA A 489 -28.07 -8.13 13.60
CA ALA A 489 -27.05 -7.81 14.60
C ALA A 489 -25.67 -7.62 13.94
N ASP A 490 -24.77 -6.93 14.64
CA ASP A 490 -23.40 -6.73 14.14
C ASP A 490 -22.73 -8.05 13.78
N GLU A 491 -23.02 -9.09 14.57
CA GLU A 491 -22.47 -10.43 14.37
C GLU A 491 -22.81 -10.95 12.99
N LYS A 492 -24.04 -10.68 12.50
CA LYS A 492 -24.48 -11.13 11.21
C LYS A 492 -23.72 -10.38 10.12
N TRP A 493 -23.56 -9.07 10.29
CA TRP A 493 -22.74 -8.29 9.36
C TRP A 493 -21.33 -8.83 9.35
N VAL A 494 -20.70 -8.98 10.52
CA VAL A 494 -19.31 -9.51 10.56
C VAL A 494 -19.19 -10.87 9.90
N GLU A 495 -20.14 -11.77 10.15
CA GLU A 495 -20.10 -13.08 9.52
C GLU A 495 -20.10 -12.95 7.97
N TRP A 496 -20.97 -12.08 7.46
CA TRP A 496 -21.05 -11.91 6.01
C TRP A 496 -19.76 -11.30 5.49
N LEU A 497 -19.20 -10.35 6.24
CA LEU A 497 -17.95 -9.68 5.76
C LEU A 497 -16.83 -10.69 5.74
N LYS A 498 -16.77 -11.52 6.78
CA LYS A 498 -15.76 -12.57 6.81
C LYS A 498 -15.87 -13.59 5.69
N ALA A 499 -17.11 -13.89 5.27
CA ALA A 499 -17.33 -14.83 4.22
C ALA A 499 -16.99 -14.30 2.83
N ASN A 500 -16.87 -12.97 2.71
CA ASN A 500 -16.82 -12.35 1.38
C ASN A 500 -15.66 -11.40 1.18
N TYR A 501 -14.78 -11.24 2.18
CA TYR A 501 -13.70 -10.24 2.01
C TYR A 501 -12.58 -10.77 1.14
N ARG A 502 -11.73 -9.84 0.71
CA ARG A 502 -10.44 -10.21 0.17
C ARG A 502 -9.38 -9.32 0.82
N SER A 503 -8.11 -9.68 0.67
CA SER A 503 -7.05 -8.70 1.01
C SER A 503 -7.26 -7.43 0.21
N ASN A 504 -7.03 -6.29 0.85
CA ASN A 504 -7.00 -5.03 0.09
C ASN A 504 -5.67 -4.81 -0.62
N PHE A 505 -4.74 -5.73 -0.43
CA PHE A 505 -3.42 -5.68 -1.11
C PHE A 505 -2.63 -4.42 -0.75
N HIS A 506 -2.69 -4.06 0.52
CA HIS A 506 -1.85 -2.94 1.04
C HIS A 506 -0.94 -3.39 2.18
N PRO A 507 -0.25 -4.52 2.02
CA PRO A 507 0.63 -4.94 3.16
C PRO A 507 1.80 -3.97 3.37
N VAL A 508 2.03 -3.65 4.65
CA VAL A 508 3.18 -2.85 5.07
C VAL A 508 3.83 -3.46 6.30
N GLY A 509 5.04 -2.99 6.62
CA GLY A 509 5.49 -3.11 8.02
C GLY A 509 6.46 -4.24 8.28
N THR A 510 6.73 -5.06 7.27
CA THR A 510 7.59 -6.28 7.42
C THR A 510 9.08 -6.02 7.48
N ALA A 511 9.52 -4.77 7.23
CA ALA A 511 10.89 -4.32 7.55
C ALA A 511 10.72 -2.88 8.12
N ALA A 512 9.93 -2.79 9.18
CA ALA A 512 9.39 -1.50 9.60
C ALA A 512 10.51 -0.49 9.98
N MET A 513 10.34 0.74 9.53
CA MET A 513 11.18 1.87 9.99
C MET A 513 10.76 2.29 11.41
N MET A 514 11.51 1.83 12.40
CA MET A 514 11.35 2.25 13.83
C MET A 514 12.74 2.13 14.46
N PRO A 515 13.02 2.87 15.53
CA PRO A 515 14.20 2.54 16.32
C PRO A 515 14.34 1.04 16.61
N ARG A 516 15.57 0.56 16.51
CA ARG A 516 15.83 -0.88 16.80
C ARG A 516 15.33 -1.34 18.18
N SER A 517 15.49 -0.46 19.18
CA SER A 517 15.08 -0.79 20.52
C SER A 517 13.62 -1.07 20.71
N ILE A 518 12.76 -0.58 19.79
CA ILE A 518 11.34 -0.82 19.89
C ILE A 518 10.86 -1.80 18.78
N GLY A 519 11.81 -2.45 18.13
CA GLY A 519 11.45 -3.53 17.17
C GLY A 519 11.67 -3.19 15.71
N GLY A 520 12.18 -2.01 15.40
CA GLY A 520 12.39 -1.63 13.99
C GLY A 520 13.41 -2.50 13.25
N VAL A 521 13.24 -2.59 11.93
CA VAL A 521 14.20 -3.25 11.08
C VAL A 521 15.11 -2.30 10.36
N VAL A 522 14.59 -1.11 10.03
CA VAL A 522 15.45 -0.10 9.37
C VAL A 522 15.46 1.21 10.16
N ASP A 523 16.58 1.92 10.03
CA ASP A 523 16.67 3.26 10.69
C ASP A 523 15.99 4.34 9.84
N ASN A 524 16.17 5.57 10.30
CA ASN A 524 15.50 6.68 9.58
C ASN A 524 16.12 7.07 8.26
N ARG A 525 17.17 6.38 7.84
CA ARG A 525 17.69 6.51 6.49
C ARG A 525 17.45 5.21 5.69
N LEU A 526 16.57 4.36 6.24
CA LEU A 526 16.11 3.07 5.63
C LEU A 526 17.20 2.03 5.59
N ARG A 527 18.27 2.21 6.40
CA ARG A 527 19.37 1.27 6.46
C ARG A 527 18.99 0.11 7.41
N VAL A 528 19.18 -1.16 6.99
CA VAL A 528 18.86 -2.32 7.84
C VAL A 528 19.83 -2.35 9.03
N TYR A 529 19.29 -2.44 10.22
CA TYR A 529 20.14 -2.50 11.46
C TYR A 529 21.14 -3.63 11.36
N GLY A 530 22.36 -3.37 11.86
CA GLY A 530 23.36 -4.43 11.83
C GLY A 530 24.11 -4.51 10.55
N THR A 531 23.73 -3.69 9.55
CA THR A 531 24.43 -3.66 8.27
C THR A 531 24.99 -2.27 7.99
N SER A 532 26.04 -2.20 7.18
CA SER A 532 26.60 -0.88 6.89
C SER A 532 25.93 -0.29 5.66
N ASN A 533 25.46 -1.15 4.76
CA ASN A 533 25.21 -0.71 3.35
C ASN A 533 24.04 -1.46 2.66
N VAL A 534 23.07 -1.85 3.47
CA VAL A 534 21.87 -2.48 2.91
C VAL A 534 20.69 -1.61 3.35
N ARG A 535 19.84 -1.27 2.38
CA ARG A 535 18.60 -0.55 2.70
C ARG A 535 17.40 -1.32 2.19
N VAL A 536 16.25 -1.05 2.81
CA VAL A 536 14.96 -1.53 2.22
C VAL A 536 14.21 -0.27 1.83
N VAL A 537 13.73 -0.21 0.58
CA VAL A 537 12.94 0.96 0.13
C VAL A 537 11.74 0.42 -0.66
N ASP A 538 10.63 0.23 0.06
CA ASP A 538 9.34 -0.24 -0.51
C ASP A 538 8.36 -0.28 0.65
N ALA A 539 7.19 -0.84 0.43
CA ALA A 539 6.16 -0.83 1.45
C ALA A 539 6.52 -1.49 2.79
N SER A 540 7.53 -2.36 2.74
CA SER A 540 8.00 -3.02 3.97
C SER A 540 8.31 -2.07 5.09
N VAL A 541 8.75 -0.84 4.73
CA VAL A 541 9.32 0.05 5.76
C VAL A 541 8.25 0.92 6.43
N LEU A 542 7.06 1.03 5.82
CA LEU A 542 6.01 1.84 6.47
C LEU A 542 5.69 1.25 7.84
N PRO A 543 5.83 2.05 8.93
CA PRO A 543 5.62 1.42 10.27
C PRO A 543 4.14 1.23 10.63
N PHE A 544 3.26 1.94 9.90
CA PHE A 544 1.82 1.85 10.08
C PHE A 544 1.24 1.95 8.67
N GLN A 545 -0.02 1.55 8.58
CA GLN A 545 -0.84 1.76 7.40
C GLN A 545 -1.10 3.23 7.23
N VAL A 546 -1.41 3.62 6.00
CA VAL A 546 -1.82 5.01 5.73
C VAL A 546 -3.27 5.01 5.23
N CYS A 547 -3.88 6.18 5.14
CA CYS A 547 -5.27 6.25 4.78
C CYS A 547 -5.50 6.08 3.27
N GLY A 548 -4.55 6.52 2.44
CA GLY A 548 -4.78 6.51 1.01
C GLY A 548 -4.15 5.32 0.32
N HIS A 549 -4.17 5.37 -1.01
CA HIS A 549 -3.63 4.28 -1.85
C HIS A 549 -2.11 4.37 -1.83
N LEU A 550 -1.46 3.20 -1.70
CA LEU A 550 -0.01 3.22 -1.46
C LEU A 550 0.94 3.86 -2.44
N VAL A 551 0.69 3.83 -3.75
CA VAL A 551 1.81 4.20 -4.63
C VAL A 551 2.24 5.66 -4.41
N SER A 552 1.29 6.56 -4.19
CA SER A 552 1.72 7.96 -4.06
C SER A 552 2.78 8.11 -2.95
N THR A 553 2.54 7.44 -1.84
CA THR A 553 3.40 7.55 -0.69
C THR A 553 4.68 6.76 -0.89
N LEU A 554 4.59 5.61 -1.54
CA LEU A 554 5.81 4.86 -1.88
C LEU A 554 6.71 5.61 -2.83
N TYR A 555 6.13 6.29 -3.83
CA TYR A 555 6.99 7.11 -4.71
C TYR A 555 7.65 8.20 -3.88
N ALA A 556 6.89 8.83 -2.98
CA ALA A 556 7.46 9.96 -2.18
C ALA A 556 8.56 9.44 -1.25
N VAL A 557 8.29 8.31 -0.61
CA VAL A 557 9.31 7.68 0.25
C VAL A 557 10.60 7.33 -0.52
N ALA A 558 10.44 6.77 -1.71
CA ALA A 558 11.59 6.40 -2.55
C ALA A 558 12.31 7.63 -3.08
N GLU A 559 11.56 8.67 -3.43
CA GLU A 559 12.20 9.94 -3.76
C GLU A 559 13.03 10.48 -2.57
N ARG A 560 12.46 10.48 -1.36
CA ARG A 560 13.18 10.98 -0.17
C ARG A 560 14.40 10.09 0.11
N ALA A 561 14.20 8.76 0.06
CA ALA A 561 15.31 7.83 0.26
C ALA A 561 16.45 8.06 -0.67
N SER A 562 16.12 8.36 -1.95
CA SER A 562 17.14 8.60 -2.96
C SER A 562 18.05 9.77 -2.53
N ASP A 563 17.45 10.83 -1.99
CA ASP A 563 18.26 11.98 -1.50
C ASP A 563 19.12 11.57 -0.31
N LEU A 564 18.57 10.75 0.60
CA LEU A 564 19.35 10.29 1.76
C LEU A 564 20.52 9.44 1.31
N ILE A 565 20.33 8.60 0.30
CA ILE A 565 21.38 7.73 -0.19
C ILE A 565 22.50 8.58 -0.82
N LYS A 566 22.09 9.58 -1.60
CA LYS A 566 23.06 10.51 -2.23
C LYS A 566 23.85 11.27 -1.16
N GLU A 567 23.18 11.71 -0.10
CA GLU A 567 23.87 12.49 0.94
CA GLU A 567 23.82 12.49 1.00
C GLU A 567 24.92 11.60 1.57
N ASP A 568 24.58 10.34 1.82
CA ASP A 568 25.53 9.43 2.46
C ASP A 568 26.70 9.05 1.58
N ALA A 569 26.54 9.13 0.27
CA ALA A 569 27.65 8.86 -0.64
C ALA A 569 28.67 10.03 -0.73
N LYS A 570 28.30 11.22 -0.23
CA LYS A 570 29.12 12.46 -0.34
C LYS A 570 30.04 12.68 0.84
#